data_3RX8
#
_entry.id   3RX8
#
_cell.length_a   85.410
_cell.length_b   129.340
_cell.length_c   49.390
_cell.angle_alpha   90.00
_cell.angle_beta   90.00
_cell.angle_gamma   90.00
#
_symmetry.space_group_name_H-M   'P 21 21 2'
#
loop_
_entity.id
_entity.type
_entity.pdbx_description
1 polymer Cellulase
2 non-polymer 'CALCIUM ION'
3 non-polymer 'ZINC ION'
4 non-polymer (4S)-2-METHYL-2,4-PENTANEDIOL
5 non-polymer '(3R,4R,5R)-3-hydroxy-5-(hydroxymethyl)piperidin-4-yl beta-D-glucopyranoside'
6 water water
#
_entity_poly.entity_id   1
_entity_poly.type   'polypeptide(L)'
_entity_poly.pdbx_seq_one_letter_code
;MPSRVPKSIFYNQVGYLISGDKRFWIQAHEPQPFALRTPEGQAVFAGMTKPVGGNWYVGDFTALRVPGTYTLTVGTLEAR
VVIHRRAYRDVLEAMLRFFDYQLCGVVLPEDEAGPWAHGACHTSDAKVFGTERALACPGGWHDAGDYGKYTVPAAKAVAD
LLLAHEYFPAALAHVRPMRSVHRAPHLPPALEVAREEIAWLLTMQDPATGGVYHKVTTPSFPPLDTRPEDDDAPLVLSPI
SYAATATFCAAMAHAALVYRPFDPALSSCCADAARRAYAWLGAHEMQPFHNPDGILTGEYGDAELRDELLWASCALLRMT
GDSAWARVCEPLLDLDLPWELGWADVALYGVMDYLRTPRAAVSDDVRNKVKSRLLRELDALAAMAESHPFGIPMRDDDFI
WGSNMVLLNRAMAFLLAEGVGVLHPAAHTVAQRAADYLFGANPLGQCYVTGFGQRPVRHPHHRPSVADDVDHPVPGMVVG
GPNRHLQDEIARAQLAGRPAMEAYIDHQDSYSTNEVAVYWNSPAVFVIAALLEARGR
;
_entity_poly.pdbx_strand_id   A
#
# COMPACT_ATOMS: atom_id res chain seq x y z
N LYS A 7 8.55 14.99 25.93
CA LYS A 7 9.97 15.01 25.55
C LYS A 7 10.50 13.58 25.58
N SER A 8 10.85 13.03 24.39
CA SER A 8 11.32 11.65 24.22
C SER A 8 12.21 11.39 23.00
N ILE A 9 12.54 10.10 22.82
CA ILE A 9 13.30 9.54 21.72
C ILE A 9 12.30 9.09 20.65
N PHE A 10 12.60 9.43 19.40
CA PHE A 10 11.85 9.07 18.22
C PHE A 10 12.78 8.14 17.46
N TYR A 11 12.32 6.92 17.20
CA TYR A 11 13.07 5.84 16.57
C TYR A 11 12.10 4.75 16.03
N ASN A 12 12.67 3.78 15.32
CA ASN A 12 11.95 2.64 14.78
C ASN A 12 11.62 1.65 15.94
N GLN A 13 10.36 1.65 16.38
CA GLN A 13 9.87 0.84 17.48
C GLN A 13 9.77 -0.65 17.16
N VAL A 14 9.80 -1.03 15.87
CA VAL A 14 9.76 -2.43 15.45
C VAL A 14 11.16 -3.01 15.56
N GLY A 15 12.17 -2.25 15.11
CA GLY A 15 13.56 -2.68 15.23
C GLY A 15 14.48 -2.32 14.08
N TYR A 16 15.70 -2.85 14.13
CA TYR A 16 16.69 -2.63 13.08
C TYR A 16 17.29 -3.93 12.62
N LEU A 17 17.81 -3.88 11.41
CA LEU A 17 18.46 -4.99 10.75
C LEU A 17 19.94 -4.95 11.09
N ILE A 18 20.55 -6.13 11.39
CA ILE A 18 21.98 -6.24 11.71
C ILE A 18 22.83 -5.43 10.70
N SER A 19 22.58 -5.64 9.40
CA SER A 19 23.34 -5.03 8.29
C SER A 19 22.71 -3.77 7.69
N GLY A 20 21.85 -3.12 8.46
CA GLY A 20 21.17 -1.92 7.99
C GLY A 20 21.49 -0.65 8.74
N ASP A 21 20.93 0.46 8.23
CA ASP A 21 21.08 1.80 8.81
C ASP A 21 20.24 1.91 10.07
N LYS A 22 20.86 2.45 11.13
CA LYS A 22 20.26 2.59 12.45
C LYS A 22 20.36 4.03 12.88
N ARG A 23 19.21 4.65 13.09
CA ARG A 23 19.10 6.04 13.49
C ARG A 23 18.02 6.26 14.56
N PHE A 24 18.17 7.33 15.33
CA PHE A 24 17.20 7.80 16.32
C PHE A 24 17.19 9.32 16.20
N TRP A 25 16.07 9.93 16.56
CA TRP A 25 15.88 11.36 16.53
C TRP A 25 15.47 11.82 17.92
N ILE A 26 15.75 13.08 18.22
CA ILE A 26 15.39 13.78 19.45
C ILE A 26 15.32 15.29 19.12
N GLN A 27 14.48 16.03 19.90
CA GLN A 27 14.35 17.48 19.77
C GLN A 27 15.35 18.02 20.75
N ALA A 28 16.42 18.63 20.23
CA ALA A 28 17.53 19.14 21.02
C ALA A 28 17.94 20.52 20.55
N HIS A 29 18.82 21.17 21.33
CA HIS A 29 19.33 22.51 21.06
C HIS A 29 20.84 22.50 20.74
N GLU A 30 21.52 21.42 21.09
CA GLU A 30 22.95 21.21 20.90
C GLU A 30 23.29 19.72 20.76
N PRO A 31 24.48 19.34 20.24
CA PRO A 31 24.83 17.92 20.15
C PRO A 31 25.03 17.31 21.54
N GLN A 32 24.52 16.10 21.75
CA GLN A 32 24.59 15.39 23.04
C GLN A 32 25.29 14.04 22.90
N PRO A 33 26.06 13.60 23.91
CA PRO A 33 26.60 12.23 23.85
C PRO A 33 25.49 11.21 24.06
N PHE A 34 25.61 9.99 23.47
CA PHE A 34 24.61 8.93 23.65
C PHE A 34 25.24 7.54 23.65
N ALA A 35 24.59 6.58 24.30
CA ALA A 35 25.05 5.21 24.41
C ALA A 35 23.97 4.17 24.21
N LEU A 36 24.39 3.00 23.74
CA LEU A 36 23.55 1.82 23.59
C LEU A 36 24.12 0.79 24.54
N ARG A 37 23.26 0.27 25.41
CA ARG A 37 23.64 -0.67 26.45
C ARG A 37 22.90 -1.97 26.28
N THR A 38 23.42 -3.06 26.88
CA THR A 38 22.79 -4.41 26.91
C THR A 38 21.64 -4.36 27.96
N PRO A 39 20.75 -5.39 28.13
CA PRO A 39 19.69 -5.28 29.17
C PRO A 39 20.21 -5.16 30.62
N GLU A 40 21.44 -5.65 30.86
CA GLU A 40 22.16 -5.53 32.14
C GLU A 40 22.73 -4.09 32.38
N GLY A 41 23.08 -3.38 31.31
CA GLY A 41 23.55 -2.00 31.35
C GLY A 41 24.89 -1.66 30.70
N GLN A 42 25.67 -2.68 30.26
CA GLN A 42 26.99 -2.44 29.67
C GLN A 42 26.93 -1.71 28.34
N ALA A 43 27.70 -0.60 28.24
CA ALA A 43 27.83 0.22 27.03
C ALA A 43 28.48 -0.61 25.91
N VAL A 44 27.89 -0.50 24.69
CA VAL A 44 28.33 -1.24 23.50
C VAL A 44 28.60 -0.30 22.34
N PHE A 45 27.93 0.85 22.30
CA PHE A 45 28.16 1.87 21.27
C PHE A 45 28.07 3.28 21.87
N ALA A 46 28.88 4.21 21.35
CA ALA A 46 28.85 5.59 21.79
C ALA A 46 29.04 6.47 20.61
N GLY A 47 28.28 7.54 20.59
CA GLY A 47 28.32 8.55 19.53
C GLY A 47 27.84 9.88 20.04
N MET A 48 27.81 10.86 19.13
CA MET A 48 27.33 12.21 19.36
C MET A 48 26.15 12.50 18.46
N THR A 49 25.13 13.19 18.99
CA THR A 49 23.99 13.63 18.16
C THR A 49 24.47 14.74 17.20
N LYS A 50 23.75 14.95 16.09
CA LYS A 50 24.14 15.97 15.11
C LYS A 50 22.92 16.63 14.49
N PRO A 51 22.96 17.98 14.22
CA PRO A 51 21.76 18.66 13.67
C PRO A 51 21.29 18.17 12.31
N VAL A 52 19.98 18.30 12.00
CA VAL A 52 19.39 17.88 10.71
C VAL A 52 18.27 18.81 10.23
N GLY A 53 17.93 19.81 11.03
CA GLY A 53 16.84 20.70 10.65
C GLY A 53 15.94 21.00 11.81
N GLY A 54 15.94 22.28 12.20
CA GLY A 54 15.17 22.80 13.32
C GLY A 54 15.67 22.28 14.64
N ASN A 55 14.74 21.70 15.44
CA ASN A 55 14.97 21.12 16.76
C ASN A 55 15.55 19.72 16.62
N TRP A 56 15.48 19.17 15.41
CA TRP A 56 15.89 17.80 15.16
C TRP A 56 17.38 17.46 15.12
N TYR A 57 17.73 16.49 15.96
CA TYR A 57 19.05 15.92 16.07
C TYR A 57 18.92 14.43 15.83
N VAL A 58 19.93 13.86 15.15
CA VAL A 58 19.96 12.42 14.88
C VAL A 58 21.11 11.78 15.63
N GLY A 59 20.99 10.47 15.79
CA GLY A 59 22.02 9.62 16.37
C GLY A 59 22.09 8.36 15.53
N ASP A 60 23.20 8.20 14.82
CA ASP A 60 23.39 7.06 13.94
C ASP A 60 24.24 5.97 14.60
N PHE A 61 23.66 4.77 14.86
CA PHE A 61 24.37 3.65 15.49
C PHE A 61 24.51 2.39 14.58
N THR A 62 24.59 2.63 13.24
CA THR A 62 24.70 1.63 12.17
C THR A 62 25.76 0.54 12.42
N ALA A 63 26.95 0.98 12.91
CA ALA A 63 28.12 0.14 13.20
C ALA A 63 27.87 -0.94 14.28
N LEU A 64 26.81 -0.79 15.07
CA LEU A 64 26.47 -1.78 16.09
C LEU A 64 25.81 -2.97 15.38
N ARG A 65 26.62 -4.01 15.12
CA ARG A 65 26.20 -5.20 14.39
C ARG A 65 25.78 -6.41 15.24
N VAL A 66 26.11 -6.44 16.54
CA VAL A 66 25.74 -7.59 17.38
C VAL A 66 24.24 -7.53 17.66
N PRO A 67 23.42 -8.54 17.22
CA PRO A 67 21.97 -8.48 17.50
C PRO A 67 21.65 -8.50 18.99
N GLY A 68 20.48 -8.02 19.35
CA GLY A 68 20.03 -8.01 20.73
C GLY A 68 19.03 -6.90 21.01
N THR A 69 18.59 -6.85 22.27
CA THR A 69 17.70 -5.84 22.80
C THR A 69 18.60 -4.92 23.62
N TYR A 70 18.78 -3.72 23.10
CA TYR A 70 19.61 -2.66 23.66
C TYR A 70 18.82 -1.52 24.26
N THR A 71 19.41 -0.87 25.27
CA THR A 71 18.84 0.32 25.86
C THR A 71 19.64 1.50 25.31
N LEU A 72 18.97 2.36 24.60
CA LEU A 72 19.56 3.55 24.07
C LEU A 72 19.29 4.68 25.07
N THR A 73 20.37 5.38 25.50
CA THR A 73 20.28 6.50 26.43
C THR A 73 20.88 7.73 25.78
N VAL A 74 20.17 8.84 25.87
CA VAL A 74 20.56 10.17 25.40
C VAL A 74 19.97 11.14 26.42
N GLY A 75 20.83 11.98 26.99
CA GLY A 75 20.45 12.89 28.06
C GLY A 75 20.05 12.09 29.29
N THR A 76 18.78 12.23 29.71
CA THR A 76 18.17 11.52 30.85
C THR A 76 17.11 10.54 30.29
N LEU A 77 16.86 10.67 28.97
CA LEU A 77 15.90 9.82 28.27
C LEU A 77 16.43 8.39 28.04
N GLU A 78 15.49 7.43 27.92
CA GLU A 78 15.78 6.01 27.68
C GLU A 78 14.78 5.42 26.69
N ALA A 79 15.25 4.54 25.81
CA ALA A 79 14.42 3.82 24.84
C ALA A 79 14.94 2.40 24.69
N ARG A 80 14.03 1.47 24.41
CA ARG A 80 14.42 0.09 24.18
C ARG A 80 14.36 -0.14 22.66
N VAL A 81 15.51 -0.48 22.07
CA VAL A 81 15.68 -0.70 20.63
C VAL A 81 16.00 -2.18 20.36
N VAL A 82 15.67 -2.71 19.16
CA VAL A 82 15.97 -4.11 18.82
C VAL A 82 16.77 -4.29 17.54
N ILE A 83 17.86 -5.10 17.62
CA ILE A 83 18.69 -5.46 16.46
C ILE A 83 18.53 -6.96 16.20
N HIS A 84 18.09 -7.31 14.99
CA HIS A 84 17.87 -8.68 14.55
C HIS A 84 18.12 -8.81 13.03
N ARG A 85 18.61 -9.96 12.58
CA ARG A 85 18.84 -10.27 11.16
C ARG A 85 17.55 -10.19 10.30
N ARG A 86 16.35 -10.33 10.93
CA ARG A 86 15.01 -10.33 10.32
C ARG A 86 14.01 -9.56 11.20
N ALA A 87 14.40 -8.37 11.67
CA ALA A 87 13.58 -7.54 12.57
C ALA A 87 12.15 -7.27 12.09
N TYR A 88 11.95 -7.20 10.77
CA TYR A 88 10.67 -6.86 10.14
C TYR A 88 9.85 -8.03 9.63
N ARG A 89 10.29 -9.28 9.88
CA ARG A 89 9.57 -10.45 9.39
C ARG A 89 8.15 -10.53 9.99
N ASP A 90 8.05 -10.37 11.31
CA ASP A 90 6.77 -10.40 12.03
C ASP A 90 5.75 -9.35 11.56
N VAL A 91 6.18 -8.07 11.40
CA VAL A 91 5.34 -6.99 10.89
C VAL A 91 4.89 -7.25 9.44
N LEU A 92 5.82 -7.79 8.61
CA LEU A 92 5.55 -8.13 7.22
C LEU A 92 4.49 -9.20 7.12
N GLU A 93 4.57 -10.23 8.01
CA GLU A 93 3.61 -11.33 8.05
C GLU A 93 2.23 -10.78 8.39
N ALA A 94 2.16 -9.96 9.48
CA ALA A 94 0.94 -9.25 9.91
C ALA A 94 0.36 -8.36 8.81
N MET A 95 1.20 -7.59 8.09
CA MET A 95 0.77 -6.71 7.00
C MET A 95 0.20 -7.53 5.85
N LEU A 96 0.72 -8.74 5.65
CA LEU A 96 0.21 -9.59 4.60
C LEU A 96 -1.09 -10.31 5.09
N ARG A 97 -1.20 -10.67 6.38
CA ARG A 97 -2.42 -11.29 6.90
C ARG A 97 -3.63 -10.36 6.96
N PHE A 98 -3.39 -9.01 6.95
CA PHE A 98 -4.46 -8.01 6.95
C PHE A 98 -5.40 -8.27 5.76
N PHE A 99 -4.80 -8.62 4.60
CA PHE A 99 -5.56 -8.91 3.39
C PHE A 99 -6.49 -10.10 3.61
N ASP A 100 -6.05 -11.10 4.39
CA ASP A 100 -6.89 -12.24 4.74
C ASP A 100 -8.00 -11.89 5.76
N TYR A 101 -7.74 -10.86 6.63
CA TYR A 101 -8.74 -10.39 7.58
C TYR A 101 -9.84 -9.64 6.85
N GLN A 102 -9.49 -8.98 5.76
CA GLN A 102 -10.39 -8.20 4.92
C GLN A 102 -11.22 -9.06 4.00
N LEU A 103 -11.07 -10.42 4.07
CA LEU A 103 -11.84 -11.26 3.16
C LEU A 103 -13.38 -11.15 3.30
N CYS A 104 -14.08 -11.03 2.16
CA CYS A 104 -15.55 -10.96 2.03
C CYS A 104 -16.09 -12.32 1.56
N GLY A 105 -17.20 -12.75 2.19
CA GLY A 105 -17.92 -14.00 1.87
C GLY A 105 -17.21 -15.31 2.14
N VAL A 106 -16.19 -15.27 3.01
CA VAL A 106 -15.33 -16.38 3.35
C VAL A 106 -15.43 -16.55 4.88
N VAL A 107 -15.54 -17.79 5.37
CA VAL A 107 -15.55 -18.05 6.81
C VAL A 107 -14.09 -17.93 7.27
N LEU A 108 -13.85 -17.03 8.24
CA LEU A 108 -12.55 -16.84 8.85
C LEU A 108 -12.58 -17.62 10.16
N PRO A 109 -11.92 -18.80 10.26
CA PRO A 109 -11.99 -19.57 11.51
C PRO A 109 -11.02 -19.08 12.60
N GLU A 110 -11.44 -19.28 13.87
CA GLU A 110 -10.71 -18.91 15.10
C GLU A 110 -9.27 -19.44 15.12
N ASP A 111 -9.01 -20.61 14.49
CA ASP A 111 -7.67 -21.23 14.40
C ASP A 111 -6.73 -20.37 13.57
N GLU A 112 -7.31 -19.58 12.64
CA GLU A 112 -6.56 -18.67 11.78
C GLU A 112 -6.68 -17.21 12.22
N ALA A 113 -7.92 -16.71 12.40
CA ALA A 113 -8.20 -15.31 12.70
C ALA A 113 -8.24 -14.90 14.17
N GLY A 114 -8.31 -15.87 15.07
CA GLY A 114 -8.34 -15.60 16.50
C GLY A 114 -9.55 -14.78 16.93
N PRO A 115 -9.35 -13.77 17.82
CA PRO A 115 -10.51 -12.98 18.27
C PRO A 115 -11.32 -12.26 17.19
N TRP A 116 -10.73 -12.06 16.02
CA TRP A 116 -11.35 -11.33 14.91
C TRP A 116 -11.96 -12.25 13.85
N ALA A 117 -12.26 -13.50 14.25
CA ALA A 117 -12.85 -14.49 13.38
C ALA A 117 -14.32 -14.15 13.18
N HIS A 118 -14.88 -14.55 12.02
CA HIS A 118 -16.29 -14.33 11.68
C HIS A 118 -16.78 -15.21 10.54
N GLY A 119 -18.11 -15.29 10.43
CA GLY A 119 -18.78 -16.05 9.37
C GLY A 119 -18.82 -15.29 8.07
N ALA A 120 -19.24 -15.96 6.99
CA ALA A 120 -19.34 -15.42 5.64
C ALA A 120 -20.29 -14.22 5.55
N CYS A 121 -19.72 -13.06 5.21
CA CYS A 121 -20.43 -11.79 5.09
C CYS A 121 -20.68 -11.44 3.65
N HIS A 122 -21.72 -10.63 3.39
CA HIS A 122 -22.12 -10.12 2.08
C HIS A 122 -22.39 -11.20 1.00
N THR A 123 -22.98 -12.31 1.43
CA THR A 123 -23.30 -13.51 0.61
C THR A 123 -24.31 -13.24 -0.53
N SER A 124 -25.39 -12.48 -0.24
CA SER A 124 -26.45 -12.05 -1.17
C SER A 124 -25.93 -11.47 -2.51
N ASP A 125 -26.69 -11.61 -3.62
CA ASP A 125 -26.33 -11.05 -4.94
C ASP A 125 -26.57 -9.53 -4.96
N ALA A 126 -25.91 -8.84 -5.90
CA ALA A 126 -26.03 -7.39 -6.07
C ALA A 126 -26.83 -6.98 -7.32
N LYS A 127 -27.70 -5.97 -7.18
CA LYS A 127 -28.47 -5.44 -8.31
C LYS A 127 -27.58 -4.56 -9.15
N VAL A 128 -27.66 -4.69 -10.46
CA VAL A 128 -26.94 -3.78 -11.34
C VAL A 128 -27.78 -2.46 -11.33
N PHE A 129 -27.15 -1.33 -10.95
CA PHE A 129 -27.79 -0.01 -10.87
C PHE A 129 -28.65 0.34 -12.10
N GLY A 130 -29.86 0.85 -11.84
CA GLY A 130 -30.81 1.23 -12.87
C GLY A 130 -31.34 0.11 -13.73
N THR A 131 -31.30 -1.15 -13.22
CA THR A 131 -31.78 -2.37 -13.89
C THR A 131 -32.38 -3.28 -12.83
N GLU A 132 -33.00 -4.38 -13.26
CA GLU A 132 -33.60 -5.40 -12.38
C GLU A 132 -32.67 -6.64 -12.34
N ARG A 133 -31.54 -6.56 -13.08
CA ARG A 133 -30.54 -7.62 -13.18
C ARG A 133 -29.72 -7.74 -11.91
N ALA A 134 -29.54 -8.96 -11.43
CA ALA A 134 -28.73 -9.25 -10.25
C ALA A 134 -27.46 -9.94 -10.72
N LEU A 135 -26.46 -10.04 -9.85
CA LEU A 135 -25.18 -10.69 -10.14
C LEU A 135 -24.52 -11.09 -8.86
N ALA A 136 -23.82 -12.22 -8.88
CA ALA A 136 -23.05 -12.71 -7.74
C ALA A 136 -21.63 -12.22 -7.98
N CYS A 137 -21.10 -11.40 -7.04
CA CYS A 137 -19.74 -10.84 -7.08
C CYS A 137 -19.14 -11.14 -5.73
N PRO A 138 -18.92 -12.42 -5.38
CA PRO A 138 -18.43 -12.72 -4.04
C PRO A 138 -16.91 -12.74 -3.92
N GLY A 139 -16.43 -12.74 -2.70
CA GLY A 139 -15.01 -12.81 -2.42
C GLY A 139 -14.39 -11.44 -2.40
N GLY A 140 -13.10 -11.38 -2.61
CA GLY A 140 -12.38 -10.13 -2.60
C GLY A 140 -12.15 -9.59 -1.20
N TRP A 141 -11.76 -8.34 -1.13
CA TRP A 141 -11.43 -7.70 0.13
C TRP A 141 -12.36 -6.54 0.41
N HIS A 142 -12.62 -6.31 1.71
CA HIS A 142 -13.34 -5.11 2.16
C HIS A 142 -12.25 -4.08 1.97
N ASP A 143 -12.57 -3.02 1.22
CA ASP A 143 -11.62 -1.98 0.82
C ASP A 143 -10.75 -1.44 1.92
N ALA A 144 -11.38 -1.05 3.05
CA ALA A 144 -10.81 -0.31 4.15
C ALA A 144 -11.54 -0.55 5.49
N GLY A 145 -11.98 0.55 6.14
CA GLY A 145 -12.78 0.54 7.37
C GLY A 145 -14.25 0.30 7.10
N ASP A 146 -14.63 0.43 5.81
CA ASP A 146 -15.95 0.13 5.30
C ASP A 146 -15.87 -1.26 4.64
N TYR A 147 -17.04 -1.79 4.21
CA TYR A 147 -17.19 -3.12 3.62
C TYR A 147 -17.32 -3.13 2.10
N GLY A 148 -17.20 -1.96 1.52
CA GLY A 148 -17.25 -1.77 0.06
C GLY A 148 -16.13 -2.49 -0.69
N LYS A 149 -16.42 -2.85 -1.93
CA LYS A 149 -15.42 -3.50 -2.76
C LYS A 149 -15.27 -2.66 -4.02
N TYR A 150 -14.18 -1.89 -4.10
CA TYR A 150 -13.97 -0.95 -5.21
C TYR A 150 -12.89 -1.40 -6.15
N THR A 151 -13.24 -1.48 -7.44
CA THR A 151 -12.39 -1.94 -8.53
C THR A 151 -11.06 -1.18 -8.68
N VAL A 152 -11.15 0.16 -8.83
CA VAL A 152 -10.00 1.03 -9.04
C VAL A 152 -8.89 0.82 -7.97
N PRO A 153 -9.13 1.04 -6.63
CA PRO A 153 -8.05 0.82 -5.64
C PRO A 153 -7.64 -0.63 -5.46
N ALA A 154 -8.48 -1.59 -5.86
CA ALA A 154 -8.23 -3.02 -5.79
C ALA A 154 -7.14 -3.39 -6.79
N ALA A 155 -7.14 -2.72 -7.97
CA ALA A 155 -6.14 -2.95 -9.02
C ALA A 155 -4.75 -2.58 -8.53
N LYS A 156 -4.62 -1.52 -7.70
CA LYS A 156 -3.33 -1.10 -7.12
C LYS A 156 -2.84 -2.14 -6.10
N ALA A 157 -3.72 -2.59 -5.18
CA ALA A 157 -3.38 -3.57 -4.15
C ALA A 157 -2.78 -4.86 -4.77
N VAL A 158 -3.44 -5.40 -5.82
CA VAL A 158 -3.02 -6.57 -6.57
C VAL A 158 -1.66 -6.26 -7.26
N ALA A 159 -1.57 -5.18 -8.07
CA ALA A 159 -0.34 -4.77 -8.75
C ALA A 159 0.84 -4.75 -7.81
N ASP A 160 0.70 -4.17 -6.62
CA ASP A 160 1.75 -4.12 -5.61
C ASP A 160 2.21 -5.47 -5.06
N LEU A 161 1.25 -6.38 -4.74
CA LEU A 161 1.62 -7.71 -4.21
C LEU A 161 2.33 -8.53 -5.25
N LEU A 162 1.85 -8.46 -6.51
CA LEU A 162 2.48 -9.17 -7.62
C LEU A 162 3.91 -8.63 -7.82
N LEU A 163 4.08 -7.28 -7.81
CA LEU A 163 5.40 -6.64 -7.88
C LEU A 163 6.34 -7.10 -6.77
N ALA A 164 5.83 -7.23 -5.50
CA ALA A 164 6.59 -7.67 -4.31
C ALA A 164 7.10 -9.10 -4.48
N HIS A 165 6.26 -9.99 -5.06
CA HIS A 165 6.62 -11.38 -5.33
C HIS A 165 7.66 -11.46 -6.45
N GLU A 166 7.54 -10.61 -7.46
CA GLU A 166 8.46 -10.61 -8.60
C GLU A 166 9.86 -10.16 -8.20
N TYR A 167 9.92 -9.16 -7.32
CA TYR A 167 11.12 -8.51 -6.82
C TYR A 167 11.73 -9.17 -5.64
N PHE A 168 10.91 -9.54 -4.62
CA PHE A 168 11.41 -10.07 -3.33
C PHE A 168 10.77 -11.41 -2.89
N PRO A 169 10.81 -12.49 -3.72
CA PRO A 169 10.17 -13.75 -3.30
C PRO A 169 10.84 -14.45 -2.13
N ALA A 170 12.16 -14.26 -1.96
CA ALA A 170 12.91 -14.88 -0.86
C ALA A 170 12.40 -14.37 0.50
N ALA A 171 12.23 -13.02 0.65
CA ALA A 171 11.73 -12.39 1.89
C ALA A 171 10.31 -12.84 2.18
N LEU A 172 9.47 -12.89 1.13
CA LEU A 172 8.07 -13.27 1.25
C LEU A 172 7.88 -14.71 1.65
N ALA A 173 8.84 -15.58 1.28
CA ALA A 173 8.85 -17.01 1.60
C ALA A 173 8.88 -17.27 3.12
N HIS A 174 9.38 -16.32 3.93
CA HIS A 174 9.48 -16.46 5.38
C HIS A 174 8.19 -16.12 6.14
N VAL A 175 7.17 -15.65 5.45
CA VAL A 175 5.90 -15.27 6.06
C VAL A 175 4.77 -16.24 5.70
N ARG A 176 3.78 -16.31 6.58
CA ARG A 176 2.67 -17.21 6.40
C ARG A 176 1.33 -16.43 6.49
N PRO A 177 0.46 -16.57 5.44
CA PRO A 177 -0.85 -15.90 5.48
C PRO A 177 -1.84 -16.84 6.16
N MET A 178 -3.16 -16.58 6.04
CA MET A 178 -4.19 -17.49 6.58
C MET A 178 -4.30 -18.63 5.60
N ARG A 179 -3.23 -19.46 5.57
CA ARG A 179 -3.01 -20.61 4.70
C ARG A 179 -4.20 -21.57 4.62
N SER A 180 -4.90 -21.80 5.72
CA SER A 180 -6.04 -22.74 5.75
C SER A 180 -7.35 -22.28 5.07
N VAL A 181 -7.46 -20.96 4.71
CA VAL A 181 -8.66 -20.45 4.02
C VAL A 181 -8.51 -20.46 2.50
N HIS A 182 -7.26 -20.58 2.02
CA HIS A 182 -6.95 -20.62 0.59
C HIS A 182 -6.95 -22.04 0.04
N ARG A 183 -7.08 -22.17 -1.30
CA ARG A 183 -7.08 -23.46 -2.00
C ARG A 183 -5.67 -24.11 -2.00
N ALA A 184 -5.62 -25.46 -2.06
CA ALA A 184 -4.39 -26.25 -2.12
C ALA A 184 -4.23 -26.87 -3.54
N PRO A 185 -3.01 -27.01 -4.12
CA PRO A 185 -1.67 -26.67 -3.58
C PRO A 185 -1.43 -25.18 -3.33
N HIS A 186 -0.62 -24.91 -2.32
CA HIS A 186 -0.30 -23.58 -1.86
C HIS A 186 0.77 -22.87 -2.69
N LEU A 187 0.38 -21.70 -3.22
CA LEU A 187 1.24 -20.85 -4.02
C LEU A 187 2.16 -20.08 -3.07
N PRO A 188 3.18 -19.34 -3.60
CA PRO A 188 4.01 -18.49 -2.73
C PRO A 188 3.14 -17.48 -1.97
N PRO A 189 3.54 -17.05 -0.74
CA PRO A 189 2.63 -16.22 0.10
C PRO A 189 1.83 -15.08 -0.53
N ALA A 190 2.49 -14.18 -1.29
CA ALA A 190 1.85 -13.01 -1.90
C ALA A 190 0.86 -13.40 -2.98
N LEU A 191 1.15 -14.45 -3.75
CA LEU A 191 0.26 -14.92 -4.82
C LEU A 191 -0.97 -15.61 -4.27
N GLU A 192 -0.81 -16.31 -3.13
CA GLU A 192 -1.91 -17.00 -2.42
C GLU A 192 -2.93 -15.95 -1.88
N VAL A 193 -2.41 -14.85 -1.30
CA VAL A 193 -3.21 -13.76 -0.75
C VAL A 193 -3.89 -12.97 -1.90
N ALA A 194 -3.13 -12.62 -2.97
CA ALA A 194 -3.66 -11.88 -4.12
C ALA A 194 -4.65 -12.64 -5.05
N ARG A 195 -4.64 -14.00 -5.10
CA ARG A 195 -5.56 -14.76 -5.98
C ARG A 195 -7.05 -14.47 -5.70
N GLU A 196 -7.40 -14.40 -4.41
CA GLU A 196 -8.71 -14.04 -3.85
C GLU A 196 -9.30 -12.73 -4.44
N GLU A 197 -8.47 -11.67 -4.56
CA GLU A 197 -8.87 -10.38 -5.10
C GLU A 197 -8.97 -10.41 -6.61
N ILE A 198 -8.08 -11.17 -7.27
CA ILE A 198 -8.07 -11.40 -8.71
C ILE A 198 -9.33 -12.21 -9.08
N ALA A 199 -9.65 -13.29 -8.34
CA ALA A 199 -10.86 -14.10 -8.58
C ALA A 199 -12.11 -13.21 -8.52
N TRP A 200 -12.26 -12.42 -7.43
CA TRP A 200 -13.34 -11.45 -7.27
C TRP A 200 -13.37 -10.45 -8.46
N LEU A 201 -12.23 -9.79 -8.76
CA LEU A 201 -12.16 -8.84 -9.86
C LEU A 201 -12.76 -9.34 -11.20
N LEU A 202 -12.64 -10.64 -11.46
CA LEU A 202 -13.16 -11.25 -12.70
C LEU A 202 -14.69 -11.26 -12.72
N THR A 203 -15.36 -11.33 -11.53
CA THR A 203 -16.83 -11.30 -11.42
C THR A 203 -17.41 -9.91 -11.74
N MET A 204 -16.53 -8.90 -11.66
CA MET A 204 -16.85 -7.50 -11.92
C MET A 204 -16.94 -7.17 -13.39
N GLN A 205 -16.41 -8.02 -14.26
CA GLN A 205 -16.44 -7.72 -15.71
C GLN A 205 -17.79 -8.16 -16.33
N ASP A 206 -18.44 -7.24 -17.06
CA ASP A 206 -19.71 -7.51 -17.73
C ASP A 206 -19.41 -8.48 -18.90
N PRO A 207 -19.98 -9.73 -18.89
CA PRO A 207 -19.71 -10.68 -20.00
C PRO A 207 -20.27 -10.17 -21.33
N ALA A 208 -21.31 -9.34 -21.28
CA ALA A 208 -21.92 -8.79 -22.49
C ALA A 208 -20.92 -7.87 -23.21
N THR A 209 -20.47 -6.78 -22.55
CA THR A 209 -19.61 -5.78 -23.16
C THR A 209 -18.10 -5.87 -22.92
N GLY A 210 -17.70 -6.39 -21.76
CA GLY A 210 -16.29 -6.43 -21.35
C GLY A 210 -15.95 -5.31 -20.38
N GLY A 211 -16.94 -4.44 -20.14
CA GLY A 211 -16.81 -3.33 -19.21
C GLY A 211 -16.75 -3.81 -17.79
N VAL A 212 -16.16 -3.00 -16.90
CA VAL A 212 -16.02 -3.40 -15.49
C VAL A 212 -16.82 -2.48 -14.57
N TYR A 213 -17.60 -3.05 -13.64
CA TYR A 213 -18.36 -2.23 -12.69
C TYR A 213 -17.38 -1.53 -11.74
N HIS A 214 -17.60 -0.24 -11.50
CA HIS A 214 -16.73 0.60 -10.68
C HIS A 214 -16.63 0.12 -9.27
N LYS A 215 -17.72 -0.46 -8.73
CA LYS A 215 -17.83 -0.95 -7.35
C LYS A 215 -19.09 -1.75 -7.03
N VAL A 216 -19.01 -2.50 -5.92
CA VAL A 216 -20.10 -3.27 -5.32
C VAL A 216 -20.12 -2.87 -3.86
N THR A 217 -21.15 -2.11 -3.51
CA THR A 217 -21.34 -1.57 -2.16
C THR A 217 -22.83 -1.51 -1.80
N THR A 218 -23.15 -1.38 -0.50
CA THR A 218 -24.51 -1.14 -0.02
C THR A 218 -24.82 0.34 -0.42
N PRO A 219 -26.08 0.81 -0.54
CA PRO A 219 -26.28 2.21 -1.01
C PRO A 219 -25.54 3.28 -0.22
N SER A 220 -25.26 3.03 1.06
CA SER A 220 -24.57 3.97 1.93
C SER A 220 -23.72 3.27 3.03
N PHE A 221 -22.93 4.05 3.78
CA PHE A 221 -22.10 3.52 4.86
C PHE A 221 -22.93 3.08 6.06
N PRO A 222 -22.81 1.81 6.48
CA PRO A 222 -23.54 1.37 7.70
C PRO A 222 -22.90 1.97 8.96
N PRO A 223 -23.47 1.78 10.18
CA PRO A 223 -22.83 2.33 11.38
C PRO A 223 -21.43 1.75 11.62
N LEU A 224 -20.55 2.55 12.22
CA LEU A 224 -19.18 2.16 12.53
C LEU A 224 -19.12 0.92 13.42
N ASP A 225 -20.20 0.63 14.14
CA ASP A 225 -20.31 -0.52 15.05
C ASP A 225 -20.85 -1.81 14.39
N THR A 226 -20.91 -1.87 13.05
CA THR A 226 -21.43 -3.03 12.34
C THR A 226 -20.41 -4.15 12.15
N ARG A 227 -20.77 -5.36 12.60
CA ARG A 227 -19.96 -6.57 12.42
C ARG A 227 -20.08 -6.95 10.93
N PRO A 228 -19.07 -7.58 10.29
CA PRO A 228 -19.23 -7.88 8.84
C PRO A 228 -20.51 -8.63 8.45
N GLU A 229 -20.90 -9.67 9.24
CA GLU A 229 -22.09 -10.50 8.98
C GLU A 229 -23.44 -9.90 9.36
N ASP A 230 -23.41 -8.79 10.12
CA ASP A 230 -24.63 -8.08 10.50
C ASP A 230 -24.97 -6.94 9.50
N ASP A 231 -24.10 -6.71 8.49
CA ASP A 231 -24.32 -5.70 7.46
C ASP A 231 -25.15 -6.35 6.36
N ASP A 232 -26.48 -6.13 6.41
CA ASP A 232 -27.38 -6.80 5.47
C ASP A 232 -28.23 -5.93 4.56
N ALA A 233 -27.76 -4.72 4.28
CA ALA A 233 -28.42 -3.81 3.34
C ALA A 233 -28.22 -4.35 1.90
N PRO A 234 -29.12 -4.09 0.93
CA PRO A 234 -28.89 -4.59 -0.46
C PRO A 234 -27.57 -4.11 -1.07
N LEU A 235 -26.94 -4.96 -1.87
CA LEU A 235 -25.68 -4.66 -2.53
C LEU A 235 -26.03 -4.19 -3.91
N VAL A 236 -25.33 -3.15 -4.38
CA VAL A 236 -25.56 -2.53 -5.68
C VAL A 236 -24.27 -2.53 -6.47
N LEU A 237 -24.34 -2.87 -7.76
CA LEU A 237 -23.19 -2.74 -8.66
C LEU A 237 -23.29 -1.36 -9.29
N SER A 238 -22.41 -0.43 -8.90
CA SER A 238 -22.40 0.91 -9.47
C SER A 238 -22.08 0.76 -10.95
N PRO A 239 -22.52 1.69 -11.84
CA PRO A 239 -22.24 1.51 -13.27
C PRO A 239 -20.79 1.24 -13.68
N ILE A 240 -20.64 0.71 -14.90
CA ILE A 240 -19.37 0.45 -15.56
C ILE A 240 -18.70 1.82 -15.77
N SER A 241 -17.41 1.91 -15.41
CA SER A 241 -16.62 3.12 -15.57
C SER A 241 -15.36 2.86 -16.40
N TYR A 242 -14.85 3.91 -17.08
CA TYR A 242 -13.63 3.76 -17.89
C TYR A 242 -12.41 3.29 -17.05
N ALA A 243 -12.16 3.97 -15.91
CA ALA A 243 -11.06 3.75 -15.00
C ALA A 243 -11.05 2.35 -14.43
N ALA A 244 -12.22 1.88 -13.93
CA ALA A 244 -12.40 0.56 -13.38
C ALA A 244 -11.93 -0.44 -14.42
N THR A 245 -12.40 -0.27 -15.69
CA THR A 245 -12.11 -1.11 -16.84
C THR A 245 -10.65 -1.08 -17.20
N ALA A 246 -10.06 0.10 -17.19
CA ALA A 246 -8.66 0.28 -17.55
C ALA A 246 -7.70 -0.21 -16.47
N THR A 247 -8.01 0.05 -15.19
CA THR A 247 -7.16 -0.46 -14.09
C THR A 247 -7.28 -1.98 -14.00
N PHE A 248 -8.48 -2.54 -14.32
CA PHE A 248 -8.75 -3.99 -14.34
C PHE A 248 -7.87 -4.65 -15.38
N CYS A 249 -7.90 -4.14 -16.63
CA CYS A 249 -7.13 -4.65 -17.77
C CYS A 249 -5.65 -4.78 -17.42
N ALA A 250 -5.12 -3.72 -16.80
CA ALA A 250 -3.76 -3.54 -16.34
C ALA A 250 -3.37 -4.62 -15.33
N ALA A 251 -4.12 -4.71 -14.21
CA ALA A 251 -3.90 -5.65 -13.11
C ALA A 251 -4.07 -7.11 -13.54
N MET A 252 -4.99 -7.35 -14.50
CA MET A 252 -5.31 -8.67 -15.05
C MET A 252 -4.19 -9.19 -15.94
N ALA A 253 -3.59 -8.32 -16.78
CA ALA A 253 -2.49 -8.70 -17.68
C ALA A 253 -1.23 -8.96 -16.87
N HIS A 254 -1.01 -8.16 -15.80
CA HIS A 254 0.10 -8.34 -14.87
C HIS A 254 -0.04 -9.73 -14.23
N ALA A 255 -1.24 -10.07 -13.70
CA ALA A 255 -1.57 -11.36 -13.11
C ALA A 255 -1.39 -12.50 -14.09
N ALA A 256 -1.71 -12.30 -15.38
CA ALA A 256 -1.54 -13.31 -16.44
C ALA A 256 -0.06 -13.76 -16.55
N LEU A 257 0.89 -12.79 -16.49
CA LEU A 257 2.32 -13.07 -16.51
C LEU A 257 2.79 -13.80 -15.29
N VAL A 258 2.43 -13.27 -14.11
CA VAL A 258 2.90 -13.81 -12.85
C VAL A 258 2.38 -15.20 -12.53
N TYR A 259 1.11 -15.46 -12.81
CA TYR A 259 0.53 -16.76 -12.51
C TYR A 259 0.77 -17.86 -13.55
N ARG A 260 1.40 -17.53 -14.70
CA ARG A 260 1.73 -18.50 -15.76
C ARG A 260 2.35 -19.80 -15.19
N PRO A 261 3.47 -19.78 -14.43
CA PRO A 261 3.98 -21.04 -13.88
C PRO A 261 3.28 -21.57 -12.62
N PHE A 262 2.29 -20.84 -12.06
CA PHE A 262 1.65 -21.34 -10.82
C PHE A 262 0.21 -21.78 -10.95
N ASP A 263 -0.56 -21.11 -11.81
CA ASP A 263 -1.96 -21.41 -12.06
C ASP A 263 -2.22 -21.04 -13.51
N PRO A 264 -1.89 -21.94 -14.45
CA PRO A 264 -2.11 -21.63 -15.88
C PRO A 264 -3.55 -21.30 -16.29
N ALA A 265 -4.58 -21.97 -15.70
CA ALA A 265 -6.00 -21.71 -15.98
C ALA A 265 -6.38 -20.29 -15.56
N LEU A 266 -5.98 -19.86 -14.34
CA LEU A 266 -6.22 -18.47 -13.89
C LEU A 266 -5.49 -17.47 -14.80
N SER A 267 -4.20 -17.74 -15.11
CA SER A 267 -3.35 -16.93 -15.99
C SER A 267 -4.04 -16.67 -17.34
N SER A 268 -4.55 -17.75 -17.98
CA SER A 268 -5.23 -17.70 -19.27
C SER A 268 -6.54 -16.85 -19.16
N CYS A 269 -7.32 -17.14 -18.09
CA CYS A 269 -8.57 -16.50 -17.73
C CYS A 269 -8.37 -14.97 -17.54
N CYS A 270 -7.23 -14.58 -16.95
CA CYS A 270 -6.81 -13.19 -16.73
C CYS A 270 -6.36 -12.45 -18.00
N ALA A 271 -5.71 -13.15 -18.92
CA ALA A 271 -5.21 -12.58 -20.18
C ALA A 271 -6.37 -12.23 -21.12
N ASP A 272 -7.36 -13.14 -21.24
CA ASP A 272 -8.57 -12.96 -22.06
C ASP A 272 -9.49 -11.88 -21.49
N ALA A 273 -9.59 -11.81 -20.14
CA ALA A 273 -10.38 -10.81 -19.45
C ALA A 273 -9.78 -9.42 -19.67
N ALA A 274 -8.44 -9.34 -19.80
CA ALA A 274 -7.72 -8.09 -20.03
C ALA A 274 -7.92 -7.58 -21.46
N ARG A 275 -7.96 -8.52 -22.42
CA ARG A 275 -8.11 -8.17 -23.83
C ARG A 275 -9.50 -7.60 -24.11
N ARG A 276 -10.55 -8.31 -23.60
CA ARG A 276 -11.97 -7.92 -23.70
C ARG A 276 -12.17 -6.55 -23.04
N ALA A 277 -11.52 -6.32 -21.87
CA ALA A 277 -11.55 -5.03 -21.18
C ALA A 277 -10.87 -3.92 -22.03
N TYR A 278 -9.81 -4.28 -22.80
CA TYR A 278 -9.13 -3.31 -23.66
C TYR A 278 -9.98 -3.00 -24.90
N ALA A 279 -10.75 -4.02 -25.39
CA ALA A 279 -11.68 -3.84 -26.50
C ALA A 279 -12.75 -2.81 -26.03
N TRP A 280 -13.22 -2.92 -24.76
CA TRP A 280 -14.18 -1.97 -24.23
C TRP A 280 -13.64 -0.55 -24.23
N LEU A 281 -12.34 -0.35 -23.86
CA LEU A 281 -11.71 0.98 -23.79
C LEU A 281 -11.70 1.79 -25.10
N GLY A 282 -11.48 1.09 -26.21
CA GLY A 282 -11.41 1.71 -27.54
C GLY A 282 -12.76 2.03 -28.14
N ALA A 283 -13.85 1.41 -27.60
CA ALA A 283 -15.21 1.62 -28.07
C ALA A 283 -15.94 2.66 -27.20
N HIS A 284 -15.32 3.09 -26.09
CA HIS A 284 -15.95 4.01 -25.16
C HIS A 284 -15.13 5.28 -24.89
N GLU A 285 -15.83 6.36 -24.45
CA GLU A 285 -15.24 7.66 -24.13
C GLU A 285 -14.65 7.68 -22.72
N MET A 286 -13.66 8.56 -22.47
CA MET A 286 -13.00 8.69 -21.18
C MET A 286 -13.86 9.51 -20.21
N GLN A 287 -14.93 8.88 -19.69
CA GLN A 287 -15.86 9.53 -18.79
C GLN A 287 -15.55 9.22 -17.31
N PRO A 288 -15.27 10.26 -16.50
CA PRO A 288 -15.03 10.02 -15.06
C PRO A 288 -16.22 9.38 -14.37
N PHE A 289 -15.97 8.75 -13.24
CA PHE A 289 -17.07 8.16 -12.50
C PHE A 289 -17.60 9.21 -11.56
N HIS A 290 -18.92 9.16 -11.32
CA HIS A 290 -19.63 9.98 -10.36
C HIS A 290 -20.60 9.06 -9.69
N ASN A 291 -20.71 9.19 -8.36
CA ASN A 291 -21.66 8.40 -7.60
C ASN A 291 -23.09 8.66 -8.10
N PRO A 292 -23.83 7.61 -8.51
CA PRO A 292 -25.21 7.84 -8.96
C PRO A 292 -26.10 8.08 -7.75
N ASP A 293 -27.29 8.66 -7.97
CA ASP A 293 -28.25 9.00 -6.92
C ASP A 293 -28.58 7.83 -6.00
N GLY A 294 -28.41 8.06 -4.70
CA GLY A 294 -28.63 7.03 -3.69
C GLY A 294 -27.36 6.39 -3.19
N ILE A 295 -26.37 6.18 -4.08
CA ILE A 295 -25.07 5.62 -3.69
C ILE A 295 -24.23 6.70 -3.01
N LEU A 296 -23.89 6.48 -1.73
CA LEU A 296 -23.14 7.49 -0.95
C LEU A 296 -21.78 6.98 -0.41
N THR A 297 -21.38 5.78 -0.85
CA THR A 297 -20.12 5.13 -0.54
C THR A 297 -18.97 5.77 -1.35
N GLY A 298 -17.72 5.40 -1.03
CA GLY A 298 -16.51 5.92 -1.67
C GLY A 298 -16.67 6.07 -3.16
N GLU A 299 -16.43 7.28 -3.68
CA GLU A 299 -16.57 7.55 -5.09
C GLU A 299 -15.41 7.02 -5.93
N TYR A 300 -14.16 7.24 -5.47
CA TYR A 300 -12.90 6.94 -6.17
C TYR A 300 -12.99 7.52 -7.60
N GLY A 301 -13.11 8.85 -7.67
CA GLY A 301 -13.22 9.57 -8.91
C GLY A 301 -11.87 10.08 -9.38
N ASP A 302 -11.75 10.35 -10.69
CA ASP A 302 -10.53 10.77 -11.34
C ASP A 302 -10.88 11.29 -12.72
N ALA A 303 -10.61 12.58 -12.95
CA ALA A 303 -10.91 13.28 -14.18
C ALA A 303 -9.86 12.98 -15.25
N GLU A 304 -8.66 12.52 -14.84
CA GLU A 304 -7.58 12.23 -15.76
C GLU A 304 -7.49 10.74 -15.97
N LEU A 305 -7.82 10.26 -17.20
CA LEU A 305 -7.86 8.82 -17.49
C LEU A 305 -6.81 8.28 -18.47
N ARG A 306 -5.91 9.13 -18.96
CA ARG A 306 -4.86 8.72 -19.90
C ARG A 306 -3.76 7.92 -19.25
N ASP A 307 -3.51 8.19 -17.94
CA ASP A 307 -2.53 7.44 -17.14
C ASP A 307 -2.98 5.97 -16.95
N GLU A 308 -4.34 5.70 -16.89
CA GLU A 308 -4.93 4.35 -16.76
C GLU A 308 -4.78 3.61 -18.11
N LEU A 309 -5.00 4.35 -19.25
CA LEU A 309 -4.84 3.80 -20.61
C LEU A 309 -3.37 3.37 -20.79
N LEU A 310 -2.41 4.27 -20.40
CA LEU A 310 -0.96 4.03 -20.41
C LEU A 310 -0.63 2.69 -19.70
N TRP A 311 -1.10 2.53 -18.45
CA TRP A 311 -0.86 1.32 -17.66
C TRP A 311 -1.47 0.07 -18.33
N ALA A 312 -2.74 0.14 -18.78
CA ALA A 312 -3.41 -0.98 -19.48
C ALA A 312 -2.68 -1.34 -20.79
N SER A 313 -2.14 -0.33 -21.54
CA SER A 313 -1.39 -0.60 -22.79
C SER A 313 -0.04 -1.28 -22.53
N CYS A 314 0.72 -0.71 -21.58
CA CYS A 314 2.04 -1.20 -21.16
C CYS A 314 1.98 -2.56 -20.51
N ALA A 315 0.90 -2.83 -19.74
CA ALA A 315 0.67 -4.13 -19.10
C ALA A 315 0.51 -5.20 -20.19
N LEU A 316 -0.31 -4.88 -21.22
CA LEU A 316 -0.55 -5.77 -22.35
C LEU A 316 0.70 -5.88 -23.25
N LEU A 317 1.48 -4.77 -23.36
CA LEU A 317 2.76 -4.77 -24.06
C LEU A 317 3.72 -5.78 -23.38
N ARG A 318 3.79 -5.77 -22.03
CA ARG A 318 4.67 -6.68 -21.31
C ARG A 318 4.15 -8.12 -21.36
N MET A 319 2.80 -8.30 -21.28
CA MET A 319 2.13 -9.61 -21.33
C MET A 319 2.40 -10.31 -22.67
N THR A 320 2.02 -9.68 -23.79
CA THR A 320 2.17 -10.22 -25.14
C THR A 320 3.62 -10.23 -25.61
N GLY A 321 4.34 -9.13 -25.37
CA GLY A 321 5.70 -8.95 -25.84
C GLY A 321 5.68 -8.57 -27.30
N ASP A 322 4.57 -7.95 -27.72
CA ASP A 322 4.32 -7.55 -29.09
C ASP A 322 4.68 -6.06 -29.30
N SER A 323 5.56 -5.80 -30.29
CA SER A 323 6.01 -4.46 -30.67
C SER A 323 4.89 -3.52 -31.10
N ALA A 324 3.77 -4.08 -31.60
CA ALA A 324 2.57 -3.37 -32.04
C ALA A 324 1.98 -2.48 -30.97
N TRP A 325 2.05 -2.92 -29.69
CA TRP A 325 1.56 -2.16 -28.54
C TRP A 325 2.36 -0.86 -28.26
N ALA A 326 3.68 -0.82 -28.58
CA ALA A 326 4.53 0.38 -28.41
C ALA A 326 4.02 1.57 -29.21
N ARG A 327 3.29 1.30 -30.32
CA ARG A 327 2.65 2.31 -31.17
C ARG A 327 1.66 3.14 -30.31
N VAL A 328 1.03 2.51 -29.29
CA VAL A 328 0.08 3.17 -28.38
C VAL A 328 0.73 3.66 -27.05
N CYS A 329 1.71 2.92 -26.49
CA CYS A 329 2.43 3.27 -25.25
C CYS A 329 3.25 4.54 -25.40
N GLU A 330 4.24 4.50 -26.31
CA GLU A 330 5.19 5.57 -26.58
C GLU A 330 4.63 7.01 -26.71
N PRO A 331 3.47 7.27 -27.39
CA PRO A 331 2.89 8.62 -27.35
C PRO A 331 2.41 8.95 -25.93
N LEU A 332 1.78 7.98 -25.24
CA LEU A 332 1.27 8.17 -23.87
C LEU A 332 2.38 8.38 -22.90
N LEU A 333 3.57 7.80 -23.18
CA LEU A 333 4.77 7.96 -22.36
C LEU A 333 5.39 9.35 -22.52
N ASP A 334 5.06 10.03 -23.63
CA ASP A 334 5.50 11.38 -23.90
C ASP A 334 4.70 12.47 -23.13
N LEU A 335 3.45 12.16 -22.69
CA LEU A 335 2.61 13.11 -21.95
C LEU A 335 3.23 13.57 -20.62
N ASP A 336 2.75 14.71 -20.10
CA ASP A 336 3.23 15.31 -18.85
C ASP A 336 2.38 14.88 -17.63
N LEU A 337 1.95 13.61 -17.62
CA LEU A 337 1.16 13.01 -16.55
C LEU A 337 2.08 12.79 -15.32
N PRO A 338 1.57 12.91 -14.07
CA PRO A 338 2.44 12.62 -12.90
C PRO A 338 2.85 11.14 -12.90
N TRP A 339 4.15 10.85 -12.83
CA TRP A 339 4.60 9.46 -12.84
C TRP A 339 4.47 8.84 -11.45
N GLU A 340 3.23 8.57 -11.04
CA GLU A 340 2.87 8.12 -9.71
C GLU A 340 2.35 6.68 -9.64
N LEU A 341 2.22 6.12 -8.39
CA LEU A 341 1.76 4.74 -8.16
C LEU A 341 0.37 4.57 -7.58
N GLY A 342 -0.57 5.38 -8.04
CA GLY A 342 -1.96 5.26 -7.63
C GLY A 342 -2.41 5.96 -6.36
N TRP A 343 -3.69 5.78 -5.99
CA TRP A 343 -4.65 4.94 -6.73
C TRP A 343 -5.21 5.63 -8.00
N ALA A 344 -5.18 6.99 -8.05
CA ALA A 344 -5.71 7.78 -9.18
C ALA A 344 -4.69 8.09 -10.27
N ASP A 345 -3.42 8.29 -9.90
CA ASP A 345 -2.36 8.57 -10.85
C ASP A 345 -1.49 7.32 -10.84
N VAL A 346 -1.62 6.51 -11.92
CA VAL A 346 -1.04 5.20 -12.05
C VAL A 346 0.08 5.03 -13.10
N ALA A 347 0.40 6.10 -13.85
CA ALA A 347 1.40 6.15 -14.90
C ALA A 347 2.68 5.34 -14.63
N LEU A 348 3.25 5.42 -13.40
CA LEU A 348 4.48 4.71 -13.04
C LEU A 348 4.40 3.21 -13.20
N TYR A 349 3.20 2.62 -13.05
CA TYR A 349 2.95 1.21 -13.28
C TYR A 349 3.13 0.89 -14.74
N GLY A 350 2.70 1.82 -15.60
CA GLY A 350 2.83 1.71 -17.03
C GLY A 350 4.28 1.87 -17.42
N VAL A 351 4.95 2.88 -16.80
CA VAL A 351 6.37 3.15 -17.00
C VAL A 351 7.16 1.87 -16.69
N MET A 352 6.90 1.27 -15.53
CA MET A 352 7.57 0.03 -15.11
C MET A 352 7.36 -1.13 -16.10
N ASP A 353 6.08 -1.38 -16.46
CA ASP A 353 5.69 -2.41 -17.44
C ASP A 353 6.40 -2.24 -18.78
N TYR A 354 6.49 -0.99 -19.31
CA TYR A 354 7.18 -0.63 -20.54
C TYR A 354 8.68 -0.95 -20.47
N LEU A 355 9.33 -0.51 -19.40
CA LEU A 355 10.76 -0.64 -19.12
C LEU A 355 11.20 -2.13 -18.84
N ARG A 356 10.25 -2.99 -18.42
CA ARG A 356 10.49 -4.41 -18.11
C ARG A 356 10.01 -5.33 -19.23
N THR A 357 9.85 -4.79 -20.43
CA THR A 357 9.47 -5.45 -21.67
C THR A 357 10.79 -5.62 -22.48
N PRO A 358 10.95 -6.75 -23.23
CA PRO A 358 12.16 -6.91 -24.06
C PRO A 358 12.44 -5.70 -24.96
N ARG A 359 13.71 -5.24 -24.98
CA ARG A 359 14.18 -4.05 -25.72
C ARG A 359 13.83 -4.06 -27.22
N ALA A 360 13.75 -5.27 -27.83
CA ALA A 360 13.44 -5.46 -29.25
C ALA A 360 12.05 -4.94 -29.65
N ALA A 361 11.05 -5.02 -28.75
CA ALA A 361 9.67 -4.61 -29.03
C ALA A 361 9.38 -3.11 -28.75
N VAL A 362 10.41 -2.35 -28.35
CA VAL A 362 10.30 -0.93 -28.01
C VAL A 362 11.39 -0.09 -28.70
N SER A 363 11.14 1.23 -28.88
CA SER A 363 12.11 2.19 -29.44
C SER A 363 13.19 2.38 -28.40
N ASP A 364 14.45 2.08 -28.76
CA ASP A 364 15.60 2.22 -27.85
C ASP A 364 15.82 3.67 -27.43
N ASP A 365 15.35 4.63 -28.25
CA ASP A 365 15.43 6.06 -28.02
C ASP A 365 14.31 6.58 -27.04
N VAL A 366 13.05 6.09 -27.19
CA VAL A 366 11.92 6.43 -26.30
C VAL A 366 12.25 5.81 -24.92
N ARG A 367 12.84 4.61 -24.94
CA ARG A 367 13.23 3.88 -23.75
C ARG A 367 14.20 4.70 -22.92
N ASN A 368 15.27 5.23 -23.57
CA ASN A 368 16.25 6.08 -22.90
C ASN A 368 15.66 7.38 -22.35
N LYS A 369 14.71 8.01 -23.08
CA LYS A 369 14.01 9.23 -22.64
C LYS A 369 13.12 8.94 -21.41
N VAL A 370 12.46 7.77 -21.39
CA VAL A 370 11.65 7.30 -20.28
C VAL A 370 12.56 7.05 -19.03
N LYS A 371 13.69 6.31 -19.22
CA LYS A 371 14.72 6.04 -18.23
C LYS A 371 15.32 7.33 -17.65
N SER A 372 15.51 8.34 -18.50
CA SER A 372 16.03 9.65 -18.07
C SER A 372 15.00 10.43 -17.25
N ARG A 373 13.69 10.39 -17.66
CA ARG A 373 12.68 11.15 -16.91
C ARG A 373 12.56 10.65 -15.47
N LEU A 374 12.57 9.29 -15.32
CA LEU A 374 12.49 8.55 -14.07
C LEU A 374 13.65 8.93 -13.17
N LEU A 375 14.88 9.01 -13.74
CA LEU A 375 16.06 9.45 -13.00
C LEU A 375 15.90 10.88 -12.41
N ARG A 376 15.37 11.83 -13.23
CA ARG A 376 15.10 13.20 -12.77
C ARG A 376 14.01 13.16 -11.67
N GLU A 377 12.97 12.35 -11.86
CA GLU A 377 11.90 12.18 -10.87
C GLU A 377 12.45 11.71 -9.52
N LEU A 378 13.37 10.71 -9.53
CA LEU A 378 14.02 10.21 -8.33
C LEU A 378 14.89 11.24 -7.62
N ASP A 379 15.65 12.02 -8.41
CA ASP A 379 16.49 13.15 -7.94
C ASP A 379 15.62 14.18 -7.18
N ALA A 380 14.43 14.49 -7.70
CA ALA A 380 13.50 15.41 -7.02
C ALA A 380 13.05 14.81 -5.68
N LEU A 381 12.71 13.50 -5.65
CA LEU A 381 12.32 12.84 -4.39
C LEU A 381 13.51 12.83 -3.42
N ALA A 382 14.74 12.51 -3.95
CA ALA A 382 15.99 12.52 -3.18
C ALA A 382 16.31 13.92 -2.55
N ALA A 383 16.10 15.01 -3.32
CA ALA A 383 16.27 16.39 -2.86
C ALA A 383 15.35 16.71 -1.65
N MET A 384 14.08 16.23 -1.69
CA MET A 384 13.10 16.43 -0.62
C MET A 384 13.57 15.72 0.65
N ALA A 385 14.02 14.44 0.50
CA ALA A 385 14.53 13.59 1.59
C ALA A 385 15.79 14.19 2.23
N GLU A 386 16.69 14.77 1.40
CA GLU A 386 17.90 15.46 1.87
C GLU A 386 17.59 16.67 2.75
N SER A 387 16.46 17.36 2.51
CA SER A 387 16.07 18.53 3.29
C SER A 387 15.09 18.19 4.43
N HIS A 388 14.45 16.99 4.42
CA HIS A 388 13.54 16.56 5.49
C HIS A 388 14.39 16.05 6.68
N PRO A 389 14.11 16.46 7.96
CA PRO A 389 14.91 15.95 9.10
C PRO A 389 14.77 14.44 9.36
N PHE A 390 13.73 13.79 8.79
CA PHE A 390 13.53 12.34 8.92
C PHE A 390 14.01 11.58 7.68
N GLY A 391 14.48 12.32 6.68
CA GLY A 391 15.05 11.75 5.45
C GLY A 391 14.07 11.03 4.55
N ILE A 392 12.83 11.51 4.55
CA ILE A 392 11.73 10.95 3.78
C ILE A 392 11.38 11.88 2.61
N PRO A 393 11.15 11.32 1.40
CA PRO A 393 10.83 12.18 0.24
C PRO A 393 9.45 12.81 0.42
N MET A 394 9.33 13.77 1.37
CA MET A 394 8.07 14.47 1.72
C MET A 394 8.28 15.99 2.01
N ARG A 395 7.28 16.78 1.60
CA ARG A 395 7.12 18.23 1.77
C ARG A 395 5.82 18.38 2.61
N ASP A 396 5.65 19.50 3.33
CA ASP A 396 4.44 19.73 4.14
C ASP A 396 3.14 19.52 3.37
N ASP A 397 3.04 20.02 2.13
CA ASP A 397 1.84 19.87 1.31
C ASP A 397 1.54 18.40 0.84
N ASP A 398 2.48 17.46 1.03
CA ASP A 398 2.27 16.06 0.66
C ASP A 398 1.53 15.27 1.77
N PHE A 399 1.29 15.92 2.94
CA PHE A 399 0.59 15.32 4.07
C PHE A 399 -0.92 15.49 3.92
N ILE A 400 -1.44 14.66 3.01
CA ILE A 400 -2.83 14.60 2.57
C ILE A 400 -3.45 13.32 3.08
N TRP A 401 -4.68 13.06 2.67
CA TRP A 401 -5.43 11.86 3.02
C TRP A 401 -4.62 10.67 2.49
N GLY A 402 -4.18 9.82 3.43
CA GLY A 402 -3.37 8.65 3.12
C GLY A 402 -1.94 9.01 2.76
N SER A 403 -1.36 9.99 3.48
CA SER A 403 0.03 10.45 3.36
C SER A 403 1.07 9.27 3.56
N ASN A 404 0.71 8.20 4.28
CA ASN A 404 1.60 7.06 4.48
C ASN A 404 1.76 6.30 3.18
N MET A 405 0.71 6.34 2.33
CA MET A 405 0.73 5.71 1.01
C MET A 405 1.57 6.59 0.06
N VAL A 406 1.45 7.94 0.17
CA VAL A 406 2.27 8.87 -0.61
C VAL A 406 3.75 8.53 -0.33
N LEU A 407 4.13 8.56 0.96
CA LEU A 407 5.45 8.20 1.46
C LEU A 407 5.90 6.80 1.02
N LEU A 408 5.02 5.78 1.14
CA LEU A 408 5.40 4.42 0.74
C LEU A 408 5.58 4.21 -0.74
N ASN A 409 4.70 4.81 -1.55
CA ASN A 409 4.75 4.80 -3.03
C ASN A 409 6.03 5.48 -3.51
N ARG A 410 6.48 6.54 -2.82
CA ARG A 410 7.74 7.22 -3.17
C ARG A 410 8.94 6.32 -2.88
N ALA A 411 8.98 5.71 -1.68
CA ALA A 411 9.99 4.71 -1.29
C ALA A 411 9.99 3.57 -2.34
N MET A 412 8.79 3.06 -2.67
CA MET A 412 8.56 2.03 -3.70
C MET A 412 9.07 2.49 -5.08
N ALA A 413 8.92 3.80 -5.42
CA ALA A 413 9.42 4.27 -6.74
C ALA A 413 10.91 3.99 -6.90
N PHE A 414 11.74 4.30 -5.86
CA PHE A 414 13.19 4.02 -5.85
C PHE A 414 13.52 2.53 -6.04
N LEU A 415 12.74 1.66 -5.39
CA LEU A 415 13.03 0.23 -5.43
C LEU A 415 12.70 -0.45 -6.73
N LEU A 416 11.62 -0.01 -7.38
CA LEU A 416 11.20 -0.57 -8.66
C LEU A 416 12.27 -0.29 -9.72
N ALA A 417 12.82 0.94 -9.72
CA ALA A 417 13.84 1.47 -10.64
C ALA A 417 15.15 0.66 -10.63
N GLU A 418 15.49 0.09 -9.47
CA GLU A 418 16.67 -0.74 -9.29
C GLU A 418 16.64 -1.95 -10.27
N GLY A 419 15.43 -2.38 -10.65
CA GLY A 419 15.18 -3.48 -11.58
C GLY A 419 15.09 -3.13 -13.06
N VAL A 420 15.16 -1.85 -13.42
CA VAL A 420 15.15 -1.37 -14.83
C VAL A 420 16.39 -0.49 -15.14
N GLY A 421 17.49 -0.80 -14.44
CA GLY A 421 18.78 -0.13 -14.54
C GLY A 421 18.86 1.28 -13.97
N VAL A 422 17.89 1.71 -13.17
CA VAL A 422 17.92 3.05 -12.60
C VAL A 422 18.24 2.96 -11.12
N LEU A 423 19.56 2.86 -10.84
CA LEU A 423 20.13 2.70 -9.51
C LEU A 423 20.46 4.05 -8.85
N HIS A 424 19.51 4.63 -8.14
CA HIS A 424 19.76 5.87 -7.42
C HIS A 424 20.54 5.56 -6.10
N PRO A 425 21.62 6.30 -5.76
CA PRO A 425 22.37 6.00 -4.52
C PRO A 425 21.57 6.20 -3.22
N ALA A 426 20.37 6.78 -3.33
CA ALA A 426 19.47 7.07 -2.23
C ALA A 426 18.42 5.98 -1.95
N ALA A 427 18.17 5.07 -2.92
CA ALA A 427 17.17 4.00 -2.82
C ALA A 427 17.03 3.27 -1.47
N HIS A 428 18.13 2.77 -0.91
CA HIS A 428 18.01 2.05 0.35
C HIS A 428 17.84 2.88 1.59
N THR A 429 18.41 4.09 1.60
CA THR A 429 18.28 5.02 2.72
C THR A 429 16.83 5.43 2.83
N VAL A 430 16.25 5.87 1.68
CA VAL A 430 14.86 6.25 1.57
C VAL A 430 13.90 5.15 2.07
N ALA A 431 14.17 3.88 1.71
CA ALA A 431 13.35 2.72 2.17
C ALA A 431 13.45 2.52 3.65
N GLN A 432 14.68 2.63 4.22
CA GLN A 432 14.91 2.51 5.66
C GLN A 432 14.19 3.66 6.39
N ARG A 433 14.35 4.92 5.93
CA ARG A 433 13.70 6.09 6.55
C ARG A 433 12.18 6.02 6.54
N ALA A 434 11.60 5.47 5.46
CA ALA A 434 10.14 5.27 5.29
C ALA A 434 9.61 4.21 6.30
N ALA A 435 10.36 3.10 6.52
CA ALA A 435 9.99 2.10 7.53
C ALA A 435 10.17 2.71 8.96
N ASP A 436 11.27 3.48 9.22
CA ASP A 436 11.49 4.14 10.51
C ASP A 436 10.32 5.08 10.84
N TYR A 437 9.89 5.92 9.88
CA TYR A 437 8.78 6.86 10.03
C TYR A 437 7.46 6.14 10.41
N LEU A 438 7.14 5.09 9.64
CA LEU A 438 5.95 4.24 9.77
C LEU A 438 5.89 3.58 11.13
N PHE A 439 7.07 3.32 11.71
CA PHE A 439 7.22 2.62 12.97
C PHE A 439 7.52 3.49 14.18
N GLY A 440 7.37 4.82 14.06
CA GLY A 440 7.55 5.72 15.19
C GLY A 440 8.53 6.86 15.06
N ALA A 441 9.31 6.91 13.95
CA ALA A 441 10.30 7.97 13.77
C ALA A 441 9.67 9.14 13.01
N ASN A 442 8.79 9.85 13.71
CA ASN A 442 8.01 10.99 13.24
C ASN A 442 7.77 11.94 14.44
N PRO A 443 7.35 13.22 14.25
CA PRO A 443 7.14 14.12 15.40
C PRO A 443 6.19 13.64 16.51
N LEU A 444 5.22 12.76 16.19
CA LEU A 444 4.24 12.24 17.15
C LEU A 444 4.66 11.00 17.89
N GLY A 445 5.83 10.44 17.51
CA GLY A 445 6.36 9.20 18.05
C GLY A 445 5.38 8.07 17.85
N GLN A 446 4.58 8.16 16.77
CA GLN A 446 3.51 7.24 16.42
C GLN A 446 3.89 6.08 15.49
N CYS A 447 3.60 4.82 15.94
CA CYS A 447 3.76 3.66 15.09
C CYS A 447 2.43 3.55 14.33
N TYR A 448 2.46 3.86 13.02
CA TYR A 448 1.29 3.89 12.16
C TYR A 448 0.70 2.53 11.73
N VAL A 449 1.12 1.47 12.41
CA VAL A 449 0.66 0.10 12.17
C VAL A 449 0.00 -0.40 13.47
N THR A 450 -1.11 -1.12 13.37
CA THR A 450 -1.76 -1.66 14.57
C THR A 450 -0.99 -2.88 15.06
N GLY A 451 -0.99 -3.07 16.37
CA GLY A 451 -0.33 -4.20 17.03
C GLY A 451 1.17 -4.22 17.07
N PHE A 452 1.84 -3.11 16.66
CA PHE A 452 3.31 -3.08 16.64
C PHE A 452 3.89 -1.86 17.32
N GLY A 453 5.10 -2.02 17.87
CA GLY A 453 5.80 -0.94 18.56
C GLY A 453 5.30 -0.65 19.95
N GLN A 454 5.83 0.43 20.57
CA GLN A 454 5.50 0.92 21.92
C GLN A 454 4.35 1.89 21.88
N ARG A 455 4.12 2.52 20.70
CA ARG A 455 2.96 3.38 20.51
C ARG A 455 2.17 2.90 19.27
N PRO A 456 1.53 1.70 19.36
CA PRO A 456 0.78 1.19 18.22
C PRO A 456 -0.52 1.95 17.99
N VAL A 457 -1.19 1.71 16.85
CA VAL A 457 -2.51 2.28 16.61
C VAL A 457 -3.50 1.39 17.38
N ARG A 458 -4.26 1.96 18.33
CA ARG A 458 -5.21 1.22 19.20
C ARG A 458 -6.67 1.42 18.75
N HIS A 459 -7.00 2.58 18.12
CA HIS A 459 -8.38 2.88 17.72
C HIS A 459 -8.55 3.27 16.24
N PRO A 460 -8.31 2.37 15.25
CA PRO A 460 -8.49 2.77 13.85
C PRO A 460 -9.95 2.83 13.44
N HIS A 461 -10.23 3.49 12.28
CA HIS A 461 -11.55 3.59 11.67
C HIS A 461 -11.73 2.30 10.88
N HIS A 462 -12.05 1.22 11.59
CA HIS A 462 -12.17 -0.10 11.01
C HIS A 462 -13.33 -0.77 11.70
N ARG A 463 -14.48 -0.96 10.95
CA ARG A 463 -15.74 -1.57 11.40
C ARG A 463 -15.58 -2.88 12.14
N PRO A 464 -14.83 -3.90 11.65
CA PRO A 464 -14.64 -5.12 12.46
C PRO A 464 -13.91 -4.86 13.77
N SER A 465 -12.99 -3.87 13.83
CA SER A 465 -12.24 -3.57 15.06
C SER A 465 -13.03 -2.73 16.08
N VAL A 466 -14.00 -1.93 15.60
CA VAL A 466 -14.88 -1.07 16.40
C VAL A 466 -16.04 -1.93 16.93
N ALA A 467 -16.69 -2.73 16.03
CA ALA A 467 -17.84 -3.59 16.30
C ALA A 467 -17.60 -4.67 17.31
N ASP A 468 -16.43 -5.34 17.22
CA ASP A 468 -16.10 -6.41 18.14
C ASP A 468 -15.77 -5.87 19.52
N ASP A 469 -15.87 -6.75 20.53
CA ASP A 469 -15.54 -6.41 21.91
C ASP A 469 -14.32 -7.22 22.28
N VAL A 470 -13.18 -6.81 21.69
CA VAL A 470 -11.85 -7.44 21.85
C VAL A 470 -10.86 -6.50 22.61
N ASP A 471 -10.97 -5.16 22.35
CA ASP A 471 -10.18 -4.03 22.89
C ASP A 471 -9.03 -3.70 21.94
N HIS A 472 -8.25 -4.71 21.54
CA HIS A 472 -7.16 -4.58 20.58
C HIS A 472 -7.71 -4.67 19.15
N PRO A 473 -7.29 -3.77 18.22
CA PRO A 473 -7.78 -3.89 16.84
C PRO A 473 -7.05 -5.01 16.11
N VAL A 474 -7.53 -5.39 14.92
CA VAL A 474 -6.87 -6.38 14.06
C VAL A 474 -5.36 -5.93 13.89
N PRO A 475 -4.35 -6.80 14.14
CA PRO A 475 -2.96 -6.35 13.95
C PRO A 475 -2.57 -6.21 12.47
N GLY A 476 -1.44 -5.55 12.23
CA GLY A 476 -0.86 -5.35 10.90
C GLY A 476 -1.50 -4.33 9.96
N MET A 477 -2.42 -3.49 10.46
CA MET A 477 -3.08 -2.51 9.61
C MET A 477 -2.39 -1.15 9.65
N VAL A 478 -2.01 -0.66 8.46
CA VAL A 478 -1.35 0.61 8.21
C VAL A 478 -2.41 1.70 8.09
N VAL A 479 -2.31 2.72 8.93
CA VAL A 479 -3.28 3.81 8.86
C VAL A 479 -2.89 4.87 7.86
N GLY A 480 -3.89 5.59 7.33
CA GLY A 480 -3.69 6.66 6.37
C GLY A 480 -2.58 7.62 6.75
N GLY A 481 -2.62 8.07 8.02
CA GLY A 481 -1.63 8.97 8.58
C GLY A 481 -1.99 10.45 8.56
N PRO A 482 -1.08 11.30 9.09
CA PRO A 482 -1.35 12.76 9.13
C PRO A 482 -1.89 13.39 7.85
N ASN A 483 -3.00 14.14 7.95
CA ASN A 483 -3.66 14.82 6.81
C ASN A 483 -3.99 16.26 7.23
N ARG A 484 -3.22 17.20 6.68
CA ARG A 484 -3.26 18.64 6.94
C ARG A 484 -4.60 19.32 6.61
N HIS A 485 -5.43 18.67 5.77
CA HIS A 485 -6.70 19.24 5.30
C HIS A 485 -7.82 19.14 6.30
N LEU A 486 -7.66 18.27 7.32
CA LEU A 486 -8.61 18.04 8.43
C LEU A 486 -10.02 17.72 7.91
N GLN A 487 -10.12 16.65 7.11
CA GLN A 487 -11.33 16.25 6.42
C GLN A 487 -12.33 15.37 7.15
N ASP A 488 -12.39 15.50 8.48
CA ASP A 488 -13.38 14.85 9.32
C ASP A 488 -13.59 15.75 10.54
N GLU A 489 -14.72 15.57 11.26
CA GLU A 489 -15.07 16.40 12.42
C GLU A 489 -14.06 16.36 13.58
N ILE A 490 -13.53 15.17 13.90
CA ILE A 490 -12.53 14.94 14.95
C ILE A 490 -11.22 15.67 14.62
N ALA A 491 -10.81 15.64 13.34
CA ALA A 491 -9.59 16.33 12.89
C ALA A 491 -9.81 17.86 12.91
N ARG A 492 -10.96 18.34 12.39
CA ARG A 492 -11.35 19.75 12.41
C ARG A 492 -11.35 20.28 13.87
N ALA A 493 -11.87 19.46 14.81
CA ALA A 493 -11.93 19.75 16.24
C ALA A 493 -10.53 19.76 16.90
N GLN A 494 -9.89 18.60 16.99
CA GLN A 494 -8.64 18.44 17.70
C GLN A 494 -7.37 18.90 17.00
N LEU A 495 -7.33 18.94 15.64
CA LEU A 495 -6.08 19.20 14.91
C LEU A 495 -5.83 20.54 14.21
N ALA A 496 -6.71 21.53 14.34
CA ALA A 496 -6.49 22.85 13.74
C ALA A 496 -5.25 23.51 14.35
N GLY A 497 -4.45 24.15 13.50
CA GLY A 497 -3.23 24.84 13.89
C GLY A 497 -1.96 24.00 13.94
N ARG A 498 -2.13 22.66 13.95
CA ARG A 498 -1.03 21.69 14.03
C ARG A 498 -0.23 21.51 12.72
N PRO A 499 1.13 21.52 12.76
CA PRO A 499 1.91 21.28 11.52
C PRO A 499 1.59 19.93 10.84
N ALA A 500 1.68 19.90 9.50
CA ALA A 500 1.39 18.79 8.60
C ALA A 500 1.66 17.39 9.18
N MET A 501 2.87 17.14 9.70
CA MET A 501 3.22 15.82 10.24
C MET A 501 2.55 15.45 11.54
N GLU A 502 1.94 16.42 12.22
CA GLU A 502 1.25 16.24 13.51
C GLU A 502 -0.30 16.22 13.36
N ALA A 503 -0.79 16.38 12.12
CA ALA A 503 -2.21 16.35 11.77
C ALA A 503 -2.79 14.89 11.79
N TYR A 504 -2.46 14.13 12.82
CA TYR A 504 -2.94 12.76 13.01
C TYR A 504 -3.61 12.62 14.37
N ILE A 505 -4.68 11.84 14.45
CA ILE A 505 -5.38 11.53 15.71
C ILE A 505 -5.76 10.02 15.77
N ASP A 506 -5.36 9.30 16.85
CA ASP A 506 -5.69 7.87 17.02
C ASP A 506 -7.08 7.81 17.65
N HIS A 507 -8.10 8.05 16.81
CA HIS A 507 -9.51 8.08 17.17
C HIS A 507 -10.31 7.42 16.03
N GLN A 508 -11.23 6.50 16.39
CA GLN A 508 -12.07 5.68 15.50
C GLN A 508 -12.98 6.41 14.51
N ASP A 509 -13.36 7.66 14.84
CA ASP A 509 -14.22 8.46 13.98
C ASP A 509 -13.43 9.32 12.97
N SER A 510 -12.09 9.40 13.12
CA SER A 510 -11.21 10.15 12.22
C SER A 510 -10.81 9.33 10.98
N TYR A 511 -11.71 9.23 10.02
CA TYR A 511 -11.49 8.47 8.79
C TYR A 511 -10.48 9.13 7.85
N SER A 512 -10.24 10.46 7.98
CA SER A 512 -9.28 11.19 7.14
C SER A 512 -7.83 11.07 7.61
N THR A 513 -7.57 10.53 8.84
CA THR A 513 -6.22 10.34 9.40
C THR A 513 -5.99 8.91 9.98
N ASN A 514 -7.09 8.21 10.36
CA ASN A 514 -7.05 6.92 11.04
C ASN A 514 -7.72 5.71 10.38
N GLU A 515 -8.12 5.82 9.10
CA GLU A 515 -8.66 4.66 8.40
C GLU A 515 -7.51 3.78 7.89
N VAL A 516 -7.82 2.51 7.68
CA VAL A 516 -6.90 1.49 7.16
C VAL A 516 -7.42 1.22 5.72
N ALA A 517 -6.65 0.49 4.88
CA ALA A 517 -7.01 0.21 3.48
C ALA A 517 -6.09 -0.82 2.86
N VAL A 518 -6.61 -1.54 1.86
CA VAL A 518 -5.86 -2.58 1.16
C VAL A 518 -4.72 -2.02 0.35
N TYR A 519 -4.91 -0.85 -0.23
CA TYR A 519 -3.89 -0.15 -1.02
C TYR A 519 -2.95 0.77 -0.20
N TRP A 520 -2.93 0.63 1.12
CA TRP A 520 -2.02 1.32 2.04
C TRP A 520 -1.12 0.24 2.62
N ASN A 521 -1.69 -0.96 2.86
CA ASN A 521 -0.92 -2.13 3.30
C ASN A 521 -0.09 -2.68 2.15
N SER A 522 -0.61 -2.68 0.91
CA SER A 522 0.15 -3.20 -0.23
C SER A 522 1.55 -2.55 -0.49
N PRO A 523 1.75 -1.19 -0.56
CA PRO A 523 3.11 -0.66 -0.75
C PRO A 523 3.99 -0.86 0.49
N ALA A 524 3.38 -1.02 1.68
CA ALA A 524 4.12 -1.29 2.92
C ALA A 524 4.74 -2.67 2.78
N VAL A 525 3.95 -3.65 2.29
CA VAL A 525 4.42 -5.01 2.04
C VAL A 525 5.62 -5.00 1.06
N PHE A 526 5.52 -4.25 -0.06
CA PHE A 526 6.62 -4.11 -1.02
C PHE A 526 7.87 -3.53 -0.34
N VAL A 527 7.74 -2.38 0.36
CA VAL A 527 8.84 -1.68 1.05
C VAL A 527 9.53 -2.52 2.11
N ILE A 528 8.75 -3.13 3.00
CA ILE A 528 9.28 -3.98 4.08
C ILE A 528 10.02 -5.20 3.52
N ALA A 529 9.45 -5.86 2.49
CA ALA A 529 10.08 -7.01 1.81
C ALA A 529 11.40 -6.61 1.12
N ALA A 530 11.47 -5.37 0.60
CA ALA A 530 12.68 -4.84 -0.04
C ALA A 530 13.80 -4.74 0.99
N LEU A 531 13.50 -4.20 2.18
CA LEU A 531 14.46 -4.05 3.29
C LEU A 531 14.96 -5.37 3.79
N LEU A 532 14.07 -6.36 3.94
CA LEU A 532 14.48 -7.67 4.38
C LEU A 532 15.41 -8.32 3.33
N GLU A 533 14.97 -8.36 2.03
CA GLU A 533 15.75 -8.95 0.94
C GLU A 533 17.19 -8.40 0.88
N ALA A 534 17.34 -7.06 0.87
CA ALA A 534 18.62 -6.33 0.87
C ALA A 534 18.89 -5.75 2.24
#